data_7H5A
#
_entry.id   7H5A
#
_cell.length_a   45.440
_cell.length_b   74.110
_cell.length_c   53.290
_cell.angle_alpha   90.00
_cell.angle_beta   109.97
_cell.angle_gamma   90.00
#
_symmetry.space_group_name_H-M   'P 1 21 1'
#
loop_
_entity.id
_entity.type
_entity.pdbx_description
1 polymer Endothiapepsin
2 non-polymer 'DIMETHYL SULFOXIDE'
3 non-polymer 5-fluoranylpyridin-2-amine
4 water water
#
_entity_poly.entity_id   1
_entity_poly.type   'polypeptide(L)'
_entity_poly.pdbx_seq_one_letter_code
;STGSATTTPIDSLDDAYITPVQIGTPAQTLNLDFDTGSSDLWVFSSETTASEVDGQTIYTPSKSTTAKLLSGATWSISYG
DGSSSSGDVYTDTVSVGGLTVTGQAVESAKKVSSSFTEDSTIDGLLGLAFSTLNTVSPTQQKTFFDNAKASLDSPVFTAD
LGYHAPGTYNFGFIDTTAYTGSITYTAVSTKQGFWEWTSTGYAVGSGTFKSTSIDGIADTGTTLLYLPATVVSAYWAQVS
GAKSSSSVGGYVFPCSATLPSFTFGVGSARIVIPGDYIDFGPISTGSSSCFGGIQSSAGIGINIFGDVALKAAFVVFNGA
TTPTLGFASK
;
_entity_poly.pdbx_strand_id   A
#
loop_
_chem_comp.id
_chem_comp.type
_chem_comp.name
_chem_comp.formula
DMS non-polymer 'DIMETHYL SULFOXIDE' 'C2 H6 O S'
U1Q non-polymer 5-fluoranylpyridin-2-amine 'C5 H5 F N2'
#
# COMPACT_ATOMS: atom_id res chain seq x y z
N SER A 1 -1.14 22.09 -9.83
CA SER A 1 0.15 21.44 -9.61
C SER A 1 0.06 19.91 -9.74
N THR A 2 1.20 19.25 -9.95
CA THR A 2 1.26 17.79 -10.03
C THR A 2 2.56 17.30 -9.34
N GLY A 3 2.60 16.02 -9.03
CA GLY A 3 3.79 15.37 -8.50
C GLY A 3 3.99 14.02 -9.17
N SER A 4 5.24 13.62 -9.38
CA SER A 4 5.50 12.30 -9.98
C SER A 4 6.74 11.70 -9.37
N ALA A 5 6.60 10.52 -8.79
CA ALA A 5 7.73 9.85 -8.16
C ALA A 5 7.82 8.39 -8.57
N THR A 6 9.03 7.84 -8.59
CA THR A 6 9.24 6.43 -8.90
C THR A 6 9.13 5.63 -7.63
N THR A 7 8.38 4.52 -7.67
CA THR A 7 8.25 3.59 -6.57
C THR A 7 9.00 2.30 -6.93
N THR A 8 9.68 1.73 -5.95
CA THR A 8 10.56 0.58 -6.18
C THR A 8 10.27 -0.55 -5.18
N PRO A 9 10.23 -1.81 -5.65
CA PRO A 9 10.12 -2.93 -4.70
C PRO A 9 11.34 -3.00 -3.77
N ILE A 10 11.12 -3.29 -2.49
CA ILE A 10 12.20 -3.37 -1.53
C ILE A 10 13.07 -4.64 -1.74
N ASP A 11 12.51 -5.69 -2.35
CA ASP A 11 13.26 -6.93 -2.54
C ASP A 11 12.82 -7.70 -3.81
N SER A 12 13.40 -8.88 -4.04
CA SER A 12 13.12 -9.73 -5.20
C SER A 12 11.69 -10.31 -5.23
N LEU A 13 10.96 -10.23 -4.12
CA LEU A 13 9.60 -10.75 -4.07
C LEU A 13 8.53 -9.65 -4.11
N ASP A 14 8.92 -8.35 -4.17
CA ASP A 14 8.00 -7.21 -4.12
C ASP A 14 7.25 -7.21 -2.78
N ASP A 15 7.97 -7.45 -1.68
CA ASP A 15 7.32 -7.52 -0.36
C ASP A 15 6.66 -6.19 0.03
N ALA A 16 7.20 -5.07 -0.46
CA ALA A 16 6.72 -3.70 -0.23
C ALA A 16 7.35 -2.75 -1.26
N TYR A 17 6.83 -1.51 -1.39
CA TYR A 17 7.35 -0.52 -2.34
C TYR A 17 7.74 0.74 -1.59
N ILE A 18 8.90 1.32 -1.97
CA ILE A 18 9.43 2.56 -1.38
C ILE A 18 9.48 3.66 -2.41
N THR A 19 9.21 4.88 -1.99
CA THR A 19 9.15 6.07 -2.84
C THR A 19 9.85 7.18 -2.08
N PRO A 20 10.85 7.82 -2.70
CA PRO A 20 11.56 8.90 -2.01
C PRO A 20 10.69 10.14 -1.80
N VAL A 21 10.75 10.67 -0.58
CA VAL A 21 9.99 11.82 -0.13
C VAL A 21 10.96 12.83 0.46
N GLN A 22 10.82 14.11 0.10
CA GLN A 22 11.70 15.15 0.64
C GLN A 22 11.02 15.80 1.83
N ILE A 23 11.70 15.86 2.98
CA ILE A 23 11.14 16.44 4.20
C ILE A 23 12.07 17.50 4.79
N GLY A 24 11.49 18.63 5.16
CA GLY A 24 12.24 19.69 5.80
C GLY A 24 13.04 20.56 4.86
N THR A 25 13.73 21.55 5.46
CA THR A 25 14.61 22.49 4.78
C THR A 25 15.92 22.62 5.58
N PRO A 26 17.07 22.25 4.99
CA PRO A 26 17.21 21.65 3.65
C PRO A 26 16.57 20.26 3.56
N ALA A 27 16.29 19.81 2.34
CA ALA A 27 15.66 18.51 2.12
C ALA A 27 16.37 17.33 2.82
N GLN A 28 15.57 16.49 3.46
CA GLN A 28 16.04 15.25 4.07
C GLN A 28 15.22 14.21 3.30
N THR A 29 15.88 13.40 2.48
CA THR A 29 15.18 12.40 1.67
C THR A 29 15.08 11.08 2.38
N LEU A 30 13.84 10.68 2.63
CA LEU A 30 13.50 9.43 3.27
C LEU A 30 12.67 8.60 2.30
N ASN A 31 12.93 7.28 2.27
CA ASN A 31 12.23 6.36 1.42
C ASN A 31 11.03 5.82 2.19
N LEU A 32 9.85 6.28 1.81
CA LEU A 32 8.63 5.89 2.52
C LEU A 32 7.80 4.86 1.79
N ASP A 33 6.96 4.15 2.56
CA ASP A 33 6.04 3.16 2.06
C ASP A 33 4.67 3.86 1.92
N PHE A 34 4.26 4.18 0.67
CA PHE A 34 2.97 4.83 0.40
C PHE A 34 1.89 3.81 0.62
N ASP A 35 1.02 4.10 1.58
CA ASP A 35 0.04 3.13 2.03
C ASP A 35 -1.38 3.63 1.85
N THR A 36 -2.12 3.12 0.84
CA THR A 36 -3.54 3.55 0.69
C THR A 36 -4.48 2.90 1.72
N GLY A 37 -3.92 2.18 2.70
CA GLY A 37 -4.68 1.54 3.76
C GLY A 37 -4.55 2.19 5.12
N SER A 38 -3.80 3.29 5.23
CA SER A 38 -3.60 4.02 6.49
C SER A 38 -3.46 5.52 6.24
N SER A 39 -3.44 6.33 7.30
CA SER A 39 -3.49 7.79 7.14
C SER A 39 -2.52 8.57 8.00
N ASP A 40 -1.40 7.94 8.37
CA ASP A 40 -0.37 8.63 9.12
C ASP A 40 0.88 8.72 8.28
N LEU A 41 1.51 9.90 8.27
CA LEU A 41 2.79 10.05 7.60
C LEU A 41 3.76 9.95 8.74
N TRP A 42 4.44 8.81 8.88
CA TRP A 42 5.38 8.65 9.97
C TRP A 42 6.75 8.28 9.50
N VAL A 43 7.78 8.76 10.21
CA VAL A 43 9.15 8.51 9.81
C VAL A 43 10.00 8.04 10.99
N PHE A 44 11.07 7.29 10.68
CA PHE A 44 12.13 6.97 11.65
C PHE A 44 12.86 8.33 11.85
N SER A 45 13.31 8.61 13.07
CA SER A 45 13.86 9.91 13.38
C SER A 45 15.02 9.89 14.36
N SER A 46 15.57 11.09 14.65
CA SER A 46 16.59 11.29 15.66
C SER A 46 16.01 10.94 17.08
N GLU A 47 14.67 10.84 17.23
CA GLU A 47 13.99 10.52 18.48
C GLU A 47 13.71 9.03 18.66
N THR A 48 13.83 8.22 17.59
CA THR A 48 13.59 6.78 17.67
C THR A 48 14.61 6.11 18.54
N THR A 49 14.16 5.20 19.42
CA THR A 49 15.00 4.45 20.37
C THR A 49 16.15 3.78 19.64
N ALA A 50 17.40 4.07 20.03
CA ALA A 50 18.61 3.61 19.35
C ALA A 50 18.59 2.13 18.90
N SER A 51 18.21 1.21 19.81
CA SER A 51 18.13 -0.23 19.57
C SER A 51 17.07 -0.62 18.51
N GLU A 52 16.11 0.26 18.27
CA GLU A 52 15.07 0.03 17.27
C GLU A 52 15.44 0.56 15.88
N VAL A 53 16.62 1.18 15.73
CA VAL A 53 17.09 1.69 14.44
C VAL A 53 18.18 0.76 13.90
N ASP A 54 17.99 0.22 12.69
CA ASP A 54 18.96 -0.67 12.09
C ASP A 54 19.07 -0.46 10.58
N GLY A 55 19.74 0.59 10.18
CA GLY A 55 20.00 0.86 8.78
C GLY A 55 19.10 1.86 8.06
N GLN A 56 18.00 2.27 8.69
CA GLN A 56 17.06 3.23 8.08
C GLN A 56 17.65 4.63 8.12
N THR A 57 17.15 5.49 7.24
CA THR A 57 17.54 6.89 7.19
C THR A 57 16.58 7.63 8.13
N ILE A 58 17.11 8.48 9.00
CA ILE A 58 16.28 9.20 9.96
C ILE A 58 16.04 10.66 9.61
N TYR A 59 14.90 11.17 10.08
CA TYR A 59 14.54 12.56 9.92
C TYR A 59 14.98 13.27 11.21
N THR A 60 15.74 14.36 11.09
CA THR A 60 16.20 15.11 12.26
C THR A 60 15.50 16.45 12.27
N PRO A 61 14.39 16.58 13.01
CA PRO A 61 13.63 17.86 13.00
C PRO A 61 14.41 19.09 13.47
N SER A 62 15.39 18.92 14.34
CA SER A 62 16.22 20.03 14.82
C SER A 62 17.07 20.66 13.70
N LYS A 63 17.38 19.91 12.65
CA LYS A 63 18.14 20.39 11.50
C LYS A 63 17.26 20.98 10.37
N SER A 64 15.93 20.98 10.56
CA SER A 64 15.02 21.56 9.59
C SER A 64 14.54 22.91 10.07
N THR A 65 14.89 23.99 9.34
CA THR A 65 14.50 25.36 9.69
C THR A 65 13.01 25.64 9.58
N THR A 66 12.24 24.74 8.95
CA THR A 66 10.80 24.88 8.80
C THR A 66 10.02 23.90 9.74
N ALA A 67 10.72 23.03 10.50
CA ALA A 67 10.06 22.09 11.40
C ALA A 67 9.52 22.80 12.63
N LYS A 68 8.27 22.52 12.99
CA LYS A 68 7.65 23.14 14.14
C LYS A 68 7.01 22.04 14.96
N LEU A 69 7.32 21.98 16.25
CA LEU A 69 6.71 20.98 17.12
C LEU A 69 5.24 21.28 17.29
N LEU A 70 4.38 20.29 17.07
CA LEU A 70 2.96 20.46 17.29
C LEU A 70 2.76 20.19 18.76
N SER A 71 2.56 21.26 19.54
CA SER A 71 2.37 21.18 20.99
C SER A 71 1.33 20.15 21.45
N GLY A 72 1.78 19.26 22.30
CA GLY A 72 0.97 18.21 22.92
C GLY A 72 0.41 17.16 21.99
N ALA A 73 0.89 17.09 20.76
CA ALA A 73 0.40 16.08 19.82
C ALA A 73 1.25 14.83 19.87
N THR A 74 0.59 13.69 19.93
CA THR A 74 1.19 12.37 19.92
C THR A 74 0.38 11.51 18.94
N TRP A 75 0.96 10.40 18.51
CA TRP A 75 0.32 9.45 17.61
C TRP A 75 0.77 8.04 18.00
N SER A 76 -0.06 7.06 17.70
CA SER A 76 0.22 5.67 18.00
C SER A 76 -0.60 4.86 17.02
N ILE A 77 0.05 3.95 16.30
CA ILE A 77 -0.66 3.17 15.28
C ILE A 77 -0.30 1.72 15.32
N SER A 78 -1.30 0.88 15.06
CA SER A 78 -1.19 -0.56 15.00
C SER A 78 -1.70 -1.04 13.66
N TYR A 79 -0.99 -1.97 13.05
CA TYR A 79 -1.32 -2.45 11.72
C TYR A 79 -1.81 -3.90 11.71
N GLY A 80 -2.39 -4.31 10.58
CA GLY A 80 -2.97 -5.64 10.35
C GLY A 80 -2.06 -6.81 10.62
N ASP A 81 -0.73 -6.60 10.45
CA ASP A 81 0.27 -7.63 10.72
C ASP A 81 0.76 -7.69 12.18
N GLY A 82 0.18 -6.88 13.06
CA GLY A 82 0.64 -6.84 14.45
C GLY A 82 1.78 -5.86 14.71
N SER A 83 2.26 -5.17 13.65
CA SER A 83 3.32 -4.18 13.82
C SER A 83 2.73 -2.86 14.33
N SER A 84 3.58 -2.01 14.92
CA SER A 84 3.14 -0.75 15.50
C SER A 84 4.27 0.28 15.60
N SER A 85 3.91 1.56 15.76
CA SER A 85 4.85 2.66 15.96
C SER A 85 4.14 3.81 16.70
N SER A 86 4.89 4.71 17.32
CA SER A 86 4.28 5.83 18.06
C SER A 86 5.31 6.95 18.28
N GLY A 87 4.85 8.17 18.59
CA GLY A 87 5.77 9.25 18.90
C GLY A 87 5.15 10.61 19.03
N ASP A 88 5.87 11.66 18.60
CA ASP A 88 5.40 13.04 18.64
C ASP A 88 5.24 13.61 17.21
N VAL A 89 4.74 14.85 17.09
CA VAL A 89 4.41 15.40 15.78
C VAL A 89 5.05 16.73 15.50
N TYR A 90 5.56 16.89 14.29
CA TYR A 90 6.07 18.14 13.78
C TYR A 90 5.24 18.49 12.54
N THR A 91 5.22 19.78 12.18
CA THR A 91 4.67 20.23 10.91
C THR A 91 5.92 20.63 10.13
N ASP A 92 5.98 20.23 8.87
CA ASP A 92 7.16 20.54 8.04
C ASP A 92 6.81 20.47 6.55
N THR A 93 7.71 20.94 5.70
CA THR A 93 7.53 20.92 4.26
C THR A 93 7.84 19.49 3.73
N VAL A 94 6.93 18.96 2.92
CA VAL A 94 7.03 17.63 2.37
C VAL A 94 6.79 17.70 0.88
N SER A 95 7.69 17.13 0.09
CA SER A 95 7.53 17.13 -1.35
C SER A 95 7.66 15.72 -1.89
N VAL A 96 6.79 15.38 -2.84
CA VAL A 96 6.83 14.09 -3.51
C VAL A 96 6.96 14.41 -4.97
N GLY A 97 8.15 14.15 -5.52
CA GLY A 97 8.47 14.39 -6.92
C GLY A 97 8.00 15.69 -7.54
N GLY A 98 8.36 16.82 -6.94
CA GLY A 98 7.97 18.12 -7.48
C GLY A 98 6.72 18.74 -6.91
N LEU A 99 5.91 17.96 -6.18
CA LEU A 99 4.68 18.47 -5.57
C LEU A 99 4.98 18.75 -4.12
N THR A 100 4.78 19.97 -3.64
CA THR A 100 5.09 20.35 -2.27
C THR A 100 3.88 20.67 -1.40
N VAL A 101 3.94 20.25 -0.12
CA VAL A 101 2.97 20.60 0.91
C VAL A 101 3.73 21.25 2.06
N THR A 102 3.37 22.49 2.40
CA THR A 102 3.98 23.18 3.54
C THR A 102 3.05 22.94 4.75
N GLY A 103 3.62 22.76 5.93
CA GLY A 103 2.83 22.52 7.13
C GLY A 103 2.23 21.14 7.26
N GLN A 104 2.77 20.17 6.51
CA GLN A 104 2.29 18.79 6.58
C GLN A 104 2.73 18.15 7.91
N ALA A 105 1.81 17.47 8.61
CA ALA A 105 2.13 16.78 9.84
C ALA A 105 3.05 15.59 9.54
N VAL A 106 4.23 15.60 10.14
CA VAL A 106 5.19 14.54 9.99
C VAL A 106 5.36 13.94 11.35
N GLU A 107 4.91 12.70 11.48
CA GLU A 107 4.90 12.03 12.77
C GLU A 107 6.23 11.35 13.02
N SER A 108 6.99 11.89 13.98
CA SER A 108 8.33 11.41 14.32
C SER A 108 8.23 10.23 15.29
N ALA A 109 8.76 9.06 14.88
CA ALA A 109 8.68 7.88 15.73
C ALA A 109 9.63 7.89 16.90
N LYS A 110 9.09 7.69 18.09
CA LYS A 110 9.85 7.50 19.32
C LYS A 110 10.03 5.97 19.52
N LYS A 111 9.02 5.17 19.11
CA LYS A 111 9.04 3.72 19.19
C LYS A 111 8.56 3.12 17.90
N VAL A 112 9.20 2.04 17.46
CA VAL A 112 8.82 1.21 16.31
C VAL A 112 8.88 -0.27 16.75
N SER A 113 8.01 -1.12 16.21
CA SER A 113 8.02 -2.53 16.56
C SER A 113 9.11 -3.29 15.78
N SER A 114 9.41 -4.53 16.18
CA SER A 114 10.49 -5.32 15.59
C SER A 114 10.46 -5.40 14.06
N SER A 115 9.27 -5.57 13.45
CA SER A 115 9.19 -5.65 11.99
C SER A 115 9.68 -4.39 11.29
N PHE A 116 9.48 -3.20 11.89
CA PHE A 116 9.97 -1.97 11.26
C PHE A 116 11.48 -1.91 11.38
N THR A 117 12.03 -2.29 12.55
CA THR A 117 13.46 -2.33 12.83
C THR A 117 14.17 -3.26 11.83
N GLU A 118 13.58 -4.46 11.62
CA GLU A 118 14.10 -5.49 10.72
C GLU A 118 14.06 -5.11 9.24
N ASP A 119 13.24 -4.15 8.87
CA ASP A 119 13.10 -3.73 7.48
C ASP A 119 13.94 -2.44 7.26
N SER A 120 15.25 -2.59 6.98
CA SER A 120 16.16 -1.45 6.80
C SER A 120 15.85 -0.56 5.58
N THR A 121 15.09 -1.07 4.61
CA THR A 121 14.78 -0.31 3.38
C THR A 121 13.62 0.65 3.51
N ILE A 122 12.78 0.50 4.55
CA ILE A 122 11.65 1.37 4.78
C ILE A 122 11.94 2.37 5.90
N ASP A 123 11.98 3.66 5.57
CA ASP A 123 12.25 4.74 6.54
C ASP A 123 11.01 5.31 7.24
N GLY A 124 9.84 4.79 6.89
CA GLY A 124 8.56 5.21 7.42
C GLY A 124 7.45 5.05 6.41
N LEU A 125 6.24 5.50 6.74
CA LEU A 125 5.08 5.33 5.86
C LEU A 125 4.43 6.65 5.50
N LEU A 126 3.77 6.70 4.35
CA LEU A 126 3.03 7.87 3.94
C LEU A 126 1.61 7.42 3.66
N GLY A 127 0.71 7.72 4.60
CA GLY A 127 -0.69 7.32 4.49
C GLY A 127 -1.47 8.04 3.40
N LEU A 128 -2.18 7.25 2.56
CA LEU A 128 -3.01 7.71 1.45
C LEU A 128 -4.48 7.27 1.55
N ALA A 129 -4.90 6.76 2.72
CA ALA A 129 -6.30 6.45 2.98
C ALA A 129 -6.98 7.80 3.45
N PHE A 130 -8.27 7.79 3.76
CA PHE A 130 -9.00 8.96 4.20
C PHE A 130 -8.50 9.43 5.58
N SER A 131 -8.36 10.77 5.75
CA SER A 131 -7.82 11.40 6.97
C SER A 131 -8.58 11.05 8.25
N THR A 132 -9.80 10.50 8.12
CA THR A 132 -10.58 10.07 9.28
C THR A 132 -9.85 8.99 10.09
N LEU A 133 -8.88 8.24 9.48
CA LEU A 133 -8.14 7.23 10.24
C LEU A 133 -6.84 7.75 10.88
N ASN A 134 -6.48 9.02 10.66
CA ASN A 134 -5.24 9.56 11.25
C ASN A 134 -5.27 9.47 12.78
N THR A 135 -4.18 9.00 13.38
CA THR A 135 -4.15 8.75 14.81
C THR A 135 -3.71 9.92 15.68
N VAL A 136 -3.34 11.07 15.10
CA VAL A 136 -2.85 12.19 15.92
C VAL A 136 -3.88 12.68 16.95
N SER A 137 -3.44 12.74 18.19
CA SER A 137 -4.21 13.15 19.35
C SER A 137 -3.50 14.32 20.04
N PRO A 138 -4.24 15.33 20.53
CA PRO A 138 -5.71 15.44 20.56
C PRO A 138 -6.33 16.07 19.31
N THR A 139 -5.51 16.58 18.38
CA THR A 139 -6.03 17.19 17.15
C THR A 139 -5.61 16.33 15.96
N GLN A 140 -6.56 15.65 15.34
CA GLN A 140 -6.32 14.79 14.18
C GLN A 140 -5.69 15.60 13.02
N GLN A 141 -4.75 14.98 12.30
CA GLN A 141 -4.07 15.63 11.19
C GLN A 141 -4.52 15.07 9.84
N LYS A 142 -4.25 15.81 8.76
CA LYS A 142 -4.62 15.43 7.40
C LYS A 142 -3.52 14.70 6.64
N THR A 143 -3.89 13.91 5.62
CA THR A 143 -2.89 13.18 4.83
C THR A 143 -2.21 14.10 3.81
N PHE A 144 -1.05 13.66 3.25
CA PHE A 144 -0.34 14.41 2.22
C PHE A 144 -1.25 14.71 1.03
N PHE A 145 -2.10 13.73 0.63
CA PHE A 145 -3.04 13.88 -0.48
C PHE A 145 -4.10 14.90 -0.14
N ASP A 146 -4.67 14.83 1.05
CA ASP A 146 -5.69 15.76 1.53
C ASP A 146 -5.21 17.20 1.51
N ASN A 147 -3.99 17.43 2.01
CA ASN A 147 -3.39 18.76 2.00
C ASN A 147 -3.07 19.27 0.59
N ALA A 148 -2.66 18.39 -0.33
CA ALA A 148 -2.32 18.83 -1.69
C ALA A 148 -3.48 18.90 -2.67
N LYS A 149 -4.57 18.21 -2.39
CA LYS A 149 -5.73 18.08 -3.27
C LYS A 149 -6.23 19.40 -3.90
N ALA A 150 -6.53 20.44 -3.08
CA ALA A 150 -7.03 21.72 -3.61
C ALA A 150 -6.14 22.31 -4.70
N SER A 151 -4.84 22.09 -4.58
CA SER A 151 -3.82 22.57 -5.49
C SER A 151 -3.60 21.72 -6.72
N LEU A 152 -3.92 20.40 -6.68
CA LEU A 152 -3.66 19.53 -7.83
C LEU A 152 -4.46 19.90 -9.07
N ASP A 153 -3.92 19.60 -10.27
CA ASP A 153 -4.62 19.89 -11.52
C ASP A 153 -5.97 19.15 -11.59
N SER A 154 -6.02 17.96 -10.99
CA SER A 154 -7.19 17.10 -10.82
C SER A 154 -7.06 16.48 -9.41
N PRO A 155 -8.16 16.32 -8.67
CA PRO A 155 -8.07 15.84 -7.28
C PRO A 155 -7.83 14.33 -7.17
N VAL A 156 -6.77 13.84 -7.81
CA VAL A 156 -6.50 12.42 -7.90
C VAL A 156 -5.02 12.06 -7.60
N PHE A 157 -4.79 10.78 -7.39
CA PHE A 157 -3.48 10.20 -7.34
C PHE A 157 -3.55 8.81 -7.95
N THR A 158 -2.47 8.38 -8.61
CA THR A 158 -2.47 7.10 -9.28
C THR A 158 -1.33 6.20 -8.80
N ALA A 159 -1.58 4.90 -8.77
CA ALA A 159 -0.64 3.88 -8.37
C ALA A 159 -0.43 3.00 -9.61
N ASP A 160 0.84 2.80 -9.99
CA ASP A 160 1.29 1.99 -11.12
C ASP A 160 2.49 1.21 -10.61
N LEU A 161 2.25 0.23 -9.76
CA LEU A 161 3.30 -0.59 -9.15
C LEU A 161 3.79 -1.61 -10.17
N GLY A 162 5.10 -1.87 -10.14
CA GLY A 162 5.70 -2.83 -11.04
C GLY A 162 5.85 -4.22 -10.46
N TYR A 163 5.88 -5.21 -11.34
CA TYR A 163 6.14 -6.57 -10.95
C TYR A 163 7.63 -6.70 -11.24
N HIS A 164 8.46 -6.92 -10.19
CA HIS A 164 9.91 -7.02 -10.24
C HIS A 164 10.52 -5.88 -11.07
N ALA A 165 9.91 -4.68 -10.97
CA ALA A 165 10.28 -3.55 -11.78
C ALA A 165 9.90 -2.25 -11.11
N PRO A 166 10.56 -1.14 -11.51
CA PRO A 166 10.16 0.18 -10.99
C PRO A 166 8.80 0.61 -11.52
N GLY A 167 8.17 1.52 -10.81
CA GLY A 167 6.85 2.01 -11.17
C GLY A 167 6.68 3.46 -10.79
N THR A 168 5.43 3.94 -10.74
CA THR A 168 5.18 5.35 -10.47
C THR A 168 3.95 5.70 -9.59
N TYR A 169 4.11 6.67 -8.69
CA TYR A 169 2.98 7.28 -8.00
C TYR A 169 2.88 8.67 -8.61
N ASN A 170 1.72 9.00 -9.21
CA ASN A 170 1.46 10.30 -9.81
C ASN A 170 0.39 11.03 -9.01
N PHE A 171 0.55 12.34 -8.86
CA PHE A 171 -0.40 13.14 -8.10
C PHE A 171 -0.89 14.26 -8.98
N GLY A 172 -2.20 14.39 -9.12
CA GLY A 172 -2.77 15.48 -9.89
C GLY A 172 -3.09 15.24 -11.36
N PHE A 173 -2.79 14.05 -11.87
CA PHE A 173 -3.03 13.77 -13.30
C PHE A 173 -3.06 12.27 -13.59
N ILE A 174 -3.62 11.94 -14.75
CA ILE A 174 -3.70 10.57 -15.27
C ILE A 174 -2.82 10.47 -16.51
N ASP A 175 -1.81 9.58 -16.45
CA ASP A 175 -0.88 9.37 -17.56
C ASP A 175 -1.58 8.40 -18.49
N THR A 176 -2.13 8.90 -19.60
CA THR A 176 -2.87 8.08 -20.58
C THR A 176 -1.94 7.09 -21.34
N THR A 177 -0.62 7.29 -21.28
CA THR A 177 0.32 6.35 -21.90
C THR A 177 0.64 5.15 -20.95
N ALA A 178 0.25 5.22 -19.65
CA ALA A 178 0.58 4.19 -18.66
C ALA A 178 -0.39 3.01 -18.55
N TYR A 179 -1.38 2.93 -19.45
CA TYR A 179 -2.37 1.85 -19.43
C TYR A 179 -2.91 1.55 -20.83
N THR A 180 -3.50 0.37 -20.99
CA THR A 180 -4.13 -0.03 -22.25
C THR A 180 -5.66 0.00 -22.03
N GLY A 181 -6.40 0.17 -23.11
CA GLY A 181 -7.85 0.22 -23.05
C GLY A 181 -8.36 1.43 -22.29
N SER A 182 -9.40 1.26 -21.48
CA SER A 182 -9.96 2.38 -20.72
C SER A 182 -9.94 2.18 -19.22
N ILE A 183 -10.08 3.27 -18.47
CA ILE A 183 -10.18 3.16 -17.02
C ILE A 183 -11.66 2.92 -16.68
N THR A 184 -11.94 1.87 -15.93
CA THR A 184 -13.30 1.59 -15.49
C THR A 184 -13.38 2.09 -14.07
N TYR A 185 -14.34 2.97 -13.79
CA TYR A 185 -14.52 3.49 -12.45
C TYR A 185 -15.56 2.72 -11.67
N THR A 186 -15.34 2.64 -10.36
CA THR A 186 -16.22 1.89 -9.48
C THR A 186 -16.47 2.65 -8.16
N ALA A 187 -17.64 2.44 -7.55
CA ALA A 187 -18.01 3.14 -6.32
C ALA A 187 -17.13 2.86 -5.09
N VAL A 188 -16.92 3.91 -4.28
CA VAL A 188 -16.13 3.86 -3.06
C VAL A 188 -17.00 4.23 -1.85
N SER A 189 -16.80 3.49 -0.77
CA SER A 189 -17.40 3.74 0.52
C SER A 189 -16.23 4.17 1.42
N THR A 190 -16.37 5.35 2.02
CA THR A 190 -15.36 5.87 2.93
C THR A 190 -15.76 5.66 4.40
N LYS A 191 -16.83 4.87 4.69
CA LYS A 191 -17.32 4.67 6.06
C LYS A 191 -16.31 4.04 7.01
N GLN A 192 -15.43 3.17 6.49
CA GLN A 192 -14.37 2.58 7.32
C GLN A 192 -13.03 3.36 7.17
N GLY A 193 -13.04 4.49 6.45
CA GLY A 193 -11.86 5.30 6.18
C GLY A 193 -10.95 4.77 5.09
N PHE A 194 -11.36 3.67 4.42
CA PHE A 194 -10.56 3.05 3.38
C PHE A 194 -11.10 3.33 1.96
N TRP A 195 -10.28 3.04 0.93
CA TRP A 195 -10.69 3.09 -0.48
C TRP A 195 -11.42 1.73 -0.73
N GLU A 196 -12.59 1.58 -0.10
CA GLU A 196 -13.40 0.38 -0.11
C GLU A 196 -14.38 0.32 -1.27
N TRP A 197 -14.32 -0.77 -2.02
CA TRP A 197 -15.11 -0.93 -3.23
C TRP A 197 -15.65 -2.38 -3.33
N THR A 198 -16.43 -2.67 -4.39
CA THR A 198 -16.98 -4.01 -4.56
C THR A 198 -16.59 -4.56 -5.90
N SER A 199 -15.84 -5.66 -5.87
CA SER A 199 -15.43 -6.36 -7.07
C SER A 199 -16.66 -7.15 -7.60
N THR A 200 -16.84 -7.22 -8.91
CA THR A 200 -17.97 -7.97 -9.48
C THR A 200 -17.74 -9.49 -9.60
N GLY A 201 -16.55 -9.97 -9.21
CA GLY A 201 -16.27 -11.40 -9.27
C GLY A 201 -14.85 -11.78 -9.58
N TYR A 202 -14.69 -13.03 -9.95
CA TYR A 202 -13.39 -13.59 -10.21
C TYR A 202 -13.40 -14.75 -11.19
N ALA A 203 -12.21 -15.09 -11.68
CA ALA A 203 -11.93 -16.27 -12.49
C ALA A 203 -10.57 -16.84 -12.04
N VAL A 204 -10.39 -18.17 -12.15
CA VAL A 204 -9.11 -18.81 -11.82
C VAL A 204 -8.56 -19.34 -13.15
N GLY A 205 -7.37 -18.88 -13.56
CA GLY A 205 -6.77 -19.25 -14.84
C GLY A 205 -7.68 -19.01 -16.02
N SER A 206 -7.88 -20.04 -16.84
CA SER A 206 -8.78 -19.94 -17.99
C SER A 206 -10.23 -20.38 -17.68
N GLY A 207 -10.56 -20.55 -16.39
CA GLY A 207 -11.87 -20.97 -15.92
C GLY A 207 -12.97 -19.94 -16.10
N THR A 208 -14.19 -20.36 -15.87
CA THR A 208 -15.37 -19.49 -16.00
C THR A 208 -15.42 -18.43 -14.91
N PHE A 209 -15.85 -17.22 -15.27
CA PHE A 209 -15.97 -16.10 -14.34
C PHE A 209 -17.18 -16.28 -13.43
N LYS A 210 -16.93 -16.22 -12.13
CA LYS A 210 -17.96 -16.31 -11.12
C LYS A 210 -18.44 -14.91 -10.76
N SER A 211 -19.71 -14.58 -11.08
CA SER A 211 -20.27 -13.26 -10.73
C SER A 211 -20.64 -13.31 -9.26
N THR A 212 -19.91 -12.59 -8.42
CA THR A 212 -20.14 -12.57 -6.98
C THR A 212 -19.58 -11.26 -6.39
N SER A 213 -20.30 -10.65 -5.46
CA SER A 213 -19.86 -9.38 -4.88
C SER A 213 -18.81 -9.52 -3.81
N ILE A 214 -17.61 -9.01 -4.09
CA ILE A 214 -16.50 -9.09 -3.14
C ILE A 214 -16.14 -7.68 -2.66
N ASP A 215 -16.50 -7.37 -1.43
CA ASP A 215 -16.22 -6.10 -0.82
C ASP A 215 -14.80 -6.14 -0.21
N GLY A 216 -13.97 -5.18 -0.60
CA GLY A 216 -12.62 -5.05 -0.09
C GLY A 216 -12.03 -3.66 -0.29
N ILE A 217 -10.79 -3.46 0.18
CA ILE A 217 -10.12 -2.17 0.07
C ILE A 217 -8.91 -2.22 -0.88
N ALA A 218 -8.68 -1.13 -1.64
CA ALA A 218 -7.50 -1.02 -2.51
C ALA A 218 -6.37 -0.62 -1.58
N ASP A 219 -5.46 -1.54 -1.26
CA ASP A 219 -4.42 -1.26 -0.28
C ASP A 219 -3.00 -1.51 -0.75
N THR A 220 -2.33 -0.45 -1.19
CA THR A 220 -0.92 -0.56 -1.58
C THR A 220 0.05 -0.92 -0.42
N GLY A 221 -0.43 -0.80 0.81
CA GLY A 221 0.34 -1.10 2.01
C GLY A 221 0.25 -2.54 2.48
N THR A 222 -0.50 -3.36 1.78
CA THR A 222 -0.60 -4.78 2.09
C THR A 222 0.02 -5.49 0.91
N THR A 223 0.90 -6.44 1.18
CA THR A 223 1.62 -7.12 0.11
C THR A 223 0.75 -8.04 -0.73
N LEU A 224 -0.04 -8.90 -0.06
CA LEU A 224 -0.82 -9.96 -0.69
C LEU A 224 -2.27 -9.64 -1.00
N LEU A 225 -2.90 -10.56 -1.73
CA LEU A 225 -4.30 -10.47 -2.09
C LEU A 225 -5.08 -11.34 -1.08
N TYR A 226 -5.89 -10.72 -0.23
CA TYR A 226 -6.69 -11.43 0.76
C TYR A 226 -8.16 -11.50 0.34
N LEU A 227 -8.65 -12.73 0.09
CA LEU A 227 -10.02 -12.91 -0.43
C LEU A 227 -10.85 -13.90 0.43
N PRO A 228 -12.19 -13.99 0.25
CA PRO A 228 -12.97 -14.96 1.05
C PRO A 228 -12.45 -16.40 0.92
N ALA A 229 -12.65 -17.22 1.96
CA ALA A 229 -12.15 -18.59 1.98
C ALA A 229 -12.59 -19.44 0.80
N THR A 230 -13.87 -19.27 0.34
CA THR A 230 -14.40 -20.00 -0.80
C THR A 230 -13.62 -19.70 -2.07
N VAL A 231 -13.29 -18.41 -2.28
CA VAL A 231 -12.57 -17.92 -3.45
C VAL A 231 -11.14 -18.44 -3.45
N VAL A 232 -10.48 -18.33 -2.30
CA VAL A 232 -9.09 -18.75 -2.16
C VAL A 232 -8.97 -20.26 -2.31
N SER A 233 -9.95 -21.02 -1.77
CA SER A 233 -10.00 -22.48 -1.91
C SER A 233 -10.19 -22.88 -3.36
N ALA A 234 -11.01 -22.13 -4.12
CA ALA A 234 -11.21 -22.40 -5.55
C ALA A 234 -9.92 -22.15 -6.33
N TYR A 235 -9.16 -21.11 -5.95
CA TYR A 235 -7.89 -20.85 -6.61
C TYR A 235 -6.87 -21.98 -6.36
N TRP A 236 -6.58 -22.30 -5.08
CA TRP A 236 -5.54 -23.27 -4.76
C TRP A 236 -5.86 -24.71 -5.14
N ALA A 237 -7.15 -25.02 -5.33
CA ALA A 237 -7.60 -26.31 -5.86
C ALA A 237 -7.06 -26.56 -7.29
N GLN A 238 -6.71 -25.50 -8.04
CA GLN A 238 -6.14 -25.67 -9.37
C GLN A 238 -4.62 -25.95 -9.39
N VAL A 239 -3.94 -25.87 -8.24
CA VAL A 239 -2.50 -26.09 -8.13
C VAL A 239 -2.20 -27.46 -7.51
N SER A 240 -1.58 -28.39 -8.27
CA SER A 240 -1.26 -29.71 -7.70
C SER A 240 -0.29 -29.59 -6.53
N GLY A 241 -0.68 -30.17 -5.40
CA GLY A 241 0.12 -30.18 -4.20
C GLY A 241 -0.09 -28.98 -3.31
N ALA A 242 -0.92 -28.00 -3.73
CA ALA A 242 -1.15 -26.85 -2.85
C ALA A 242 -1.95 -27.28 -1.63
N LYS A 243 -1.69 -26.64 -0.50
CA LYS A 243 -2.40 -26.97 0.74
C LYS A 243 -2.38 -25.80 1.73
N SER A 244 -3.38 -25.72 2.61
CA SER A 244 -3.40 -24.67 3.62
C SER A 244 -2.56 -25.18 4.81
N SER A 245 -1.52 -24.45 5.17
CA SER A 245 -0.62 -24.84 6.24
C SER A 245 -0.77 -23.95 7.49
N SER A 246 -1.16 -24.54 8.63
CA SER A 246 -1.31 -23.79 9.88
C SER A 246 0.03 -23.38 10.48
N SER A 247 1.08 -24.19 10.28
CA SER A 247 2.40 -23.85 10.82
C SER A 247 3.03 -22.68 10.05
N VAL A 248 2.89 -22.67 8.73
CA VAL A 248 3.43 -21.57 7.91
C VAL A 248 2.54 -20.33 8.06
N GLY A 249 1.23 -20.53 8.08
CA GLY A 249 0.26 -19.45 8.26
C GLY A 249 -0.48 -19.11 6.97
N GLY A 250 -0.72 -20.11 6.15
CA GLY A 250 -1.42 -19.90 4.89
C GLY A 250 -1.16 -20.97 3.86
N TYR A 251 -1.72 -20.77 2.66
CA TYR A 251 -1.55 -21.66 1.54
C TYR A 251 -0.14 -21.66 1.04
N VAL A 252 0.37 -22.88 0.86
CA VAL A 252 1.68 -23.16 0.34
C VAL A 252 1.54 -24.12 -0.85
N PHE A 253 2.50 -24.06 -1.76
CA PHE A 253 2.44 -24.86 -2.97
C PHE A 253 3.86 -25.28 -3.39
N PRO A 254 4.00 -26.40 -4.11
CA PRO A 254 5.35 -26.81 -4.58
C PRO A 254 6.03 -25.73 -5.43
N CYS A 255 7.25 -25.31 -5.07
CA CYS A 255 7.97 -24.27 -5.81
C CYS A 255 8.10 -24.55 -7.32
N SER A 256 8.10 -25.83 -7.73
CA SER A 256 8.19 -26.21 -9.14
C SER A 256 6.91 -25.97 -9.95
N ALA A 257 5.80 -25.59 -9.29
CA ALA A 257 4.53 -25.34 -9.97
C ALA A 257 4.55 -24.07 -10.79
N THR A 258 3.74 -24.05 -11.85
CA THR A 258 3.51 -22.89 -12.68
C THR A 258 2.08 -22.56 -12.29
N LEU A 259 1.90 -21.44 -11.57
CA LEU A 259 0.62 -21.01 -11.04
C LEU A 259 -0.34 -20.53 -12.09
N PRO A 260 -1.64 -20.80 -11.89
CA PRO A 260 -2.63 -20.22 -12.81
C PRO A 260 -2.81 -18.73 -12.50
N SER A 261 -3.30 -17.98 -13.47
CA SER A 261 -3.57 -16.57 -13.29
C SER A 261 -4.84 -16.37 -12.39
N PHE A 262 -5.07 -15.13 -11.93
CA PHE A 262 -6.26 -14.81 -11.17
C PHE A 262 -6.88 -13.52 -11.69
N THR A 263 -8.16 -13.57 -12.05
CA THR A 263 -8.86 -12.41 -12.59
C THR A 263 -9.88 -11.86 -11.61
N PHE A 264 -9.91 -10.53 -11.42
CA PHE A 264 -10.97 -9.93 -10.61
C PHE A 264 -11.77 -8.92 -11.46
N GLY A 265 -13.04 -8.75 -11.12
CA GLY A 265 -13.92 -7.87 -11.87
C GLY A 265 -13.98 -6.48 -11.30
N VAL A 266 -14.00 -5.49 -12.18
CA VAL A 266 -14.18 -4.10 -11.83
C VAL A 266 -15.31 -3.75 -12.79
N GLY A 267 -16.57 -3.85 -12.32
CA GLY A 267 -17.74 -3.67 -13.18
C GLY A 267 -17.74 -4.76 -14.25
N SER A 268 -17.91 -4.36 -15.50
CA SER A 268 -17.81 -5.26 -16.63
C SER A 268 -16.35 -5.54 -17.04
N ALA A 269 -15.39 -4.74 -16.54
CA ALA A 269 -13.98 -4.90 -16.83
C ALA A 269 -13.34 -6.02 -15.97
N ARG A 270 -12.19 -6.52 -16.43
CA ARG A 270 -11.49 -7.60 -15.81
C ARG A 270 -10.03 -7.23 -15.66
N ILE A 271 -9.44 -7.51 -14.51
CA ILE A 271 -8.03 -7.28 -14.28
C ILE A 271 -7.43 -8.66 -14.11
N VAL A 272 -6.46 -9.03 -14.95
CA VAL A 272 -5.80 -10.32 -14.90
C VAL A 272 -4.45 -10.25 -14.19
N ILE A 273 -4.33 -10.97 -13.07
CA ILE A 273 -3.09 -11.08 -12.32
C ILE A 273 -2.39 -12.31 -12.83
N PRO A 274 -1.24 -12.17 -13.51
CA PRO A 274 -0.53 -13.38 -13.99
C PRO A 274 -0.08 -14.27 -12.82
N GLY A 275 -0.02 -15.57 -13.06
CA GLY A 275 0.32 -16.57 -12.06
C GLY A 275 1.61 -16.31 -11.31
N ASP A 276 2.65 -15.84 -12.04
CA ASP A 276 3.95 -15.50 -11.47
C ASP A 276 3.84 -14.45 -10.34
N TYR A 277 2.88 -13.50 -10.43
CA TYR A 277 2.69 -12.50 -9.37
C TYR A 277 2.24 -13.13 -8.03
N ILE A 278 1.67 -14.34 -8.09
CA ILE A 278 1.14 -15.05 -6.92
C ILE A 278 2.20 -15.97 -6.25
N ASP A 279 3.43 -16.01 -6.79
CA ASP A 279 4.48 -16.85 -6.23
C ASP A 279 5.33 -16.02 -5.27
N PHE A 280 5.32 -16.35 -3.95
CA PHE A 280 6.11 -15.59 -2.99
C PHE A 280 7.32 -16.36 -2.46
N GLY A 281 7.86 -17.25 -3.29
CA GLY A 281 9.10 -17.95 -3.01
C GLY A 281 9.09 -18.91 -1.85
N PRO A 282 10.26 -19.49 -1.56
CA PRO A 282 10.34 -20.49 -0.47
C PRO A 282 9.79 -20.03 0.87
N ILE A 283 9.07 -20.89 1.58
CA ILE A 283 8.54 -20.58 2.91
C ILE A 283 9.64 -20.30 3.95
N SER A 284 10.81 -20.93 3.76
CA SER A 284 12.02 -20.76 4.56
C SER A 284 13.21 -20.97 3.64
N THR A 285 14.34 -20.30 3.91
CA THR A 285 15.52 -20.37 3.05
C THR A 285 15.91 -21.82 2.67
N GLY A 286 15.98 -22.08 1.37
CA GLY A 286 16.34 -23.38 0.86
C GLY A 286 15.20 -24.39 0.76
N SER A 287 13.98 -24.03 1.15
CA SER A 287 12.84 -24.95 1.07
C SER A 287 12.29 -25.05 -0.34
N SER A 288 11.70 -26.18 -0.67
CA SER A 288 11.04 -26.37 -1.97
C SER A 288 9.51 -26.16 -1.88
N SER A 289 9.01 -25.74 -0.72
CA SER A 289 7.63 -25.36 -0.48
C SER A 289 7.61 -23.84 -0.61
N CYS A 290 6.68 -23.29 -1.40
CA CYS A 290 6.60 -21.86 -1.66
C CYS A 290 5.35 -21.20 -1.02
N PHE A 291 5.41 -19.90 -0.70
CA PHE A 291 4.28 -19.22 -0.10
C PHE A 291 3.38 -18.59 -1.16
N GLY A 292 2.09 -18.76 -1.04
CA GLY A 292 1.14 -18.20 -1.98
C GLY A 292 0.87 -16.73 -1.76
N GLY A 293 0.56 -16.03 -2.84
CA GLY A 293 0.24 -14.61 -2.83
C GLY A 293 -1.24 -14.31 -2.67
N ILE A 294 -2.09 -15.34 -2.77
CA ILE A 294 -3.54 -15.23 -2.55
C ILE A 294 -3.85 -15.97 -1.27
N GLN A 295 -4.31 -15.26 -0.23
CA GLN A 295 -4.60 -15.86 1.06
C GLN A 295 -6.02 -15.55 1.56
N SER A 296 -6.52 -16.34 2.50
CA SER A 296 -7.85 -16.14 3.05
C SER A 296 -7.92 -14.90 3.98
N SER A 297 -8.99 -14.11 3.84
CA SER A 297 -9.22 -12.93 4.68
C SER A 297 -10.09 -13.25 5.93
N ALA A 298 -10.38 -14.53 6.19
CA ALA A 298 -11.23 -14.98 7.31
C ALA A 298 -10.76 -14.52 8.72
N GLY A 299 -9.45 -14.34 8.91
CA GLY A 299 -8.92 -13.86 10.17
C GLY A 299 -8.80 -12.35 10.25
N ILE A 300 -8.86 -11.66 9.10
CA ILE A 300 -8.73 -10.21 8.99
C ILE A 300 -10.01 -9.45 9.27
N GLY A 301 -11.11 -9.89 8.68
CA GLY A 301 -12.38 -9.18 8.82
C GLY A 301 -12.73 -8.29 7.64
N ILE A 302 -11.85 -8.24 6.62
CA ILE A 302 -12.07 -7.46 5.40
C ILE A 302 -11.20 -8.03 4.27
N ASN A 303 -11.72 -7.99 3.04
CA ASN A 303 -10.96 -8.45 1.89
C ASN A 303 -9.98 -7.36 1.48
N ILE A 304 -8.74 -7.74 1.18
CA ILE A 304 -7.71 -6.78 0.83
C ILE A 304 -7.13 -6.94 -0.56
N PHE A 305 -7.38 -5.96 -1.42
CA PHE A 305 -6.77 -5.94 -2.74
C PHE A 305 -5.42 -5.25 -2.56
N GLY A 306 -4.42 -6.01 -2.15
CA GLY A 306 -3.08 -5.52 -1.90
C GLY A 306 -2.22 -5.44 -3.16
N ASP A 307 -0.90 -5.27 -2.98
CA ASP A 307 0.05 -5.15 -4.09
C ASP A 307 -0.10 -6.22 -5.15
N VAL A 308 -0.33 -7.51 -4.78
CA VAL A 308 -0.47 -8.59 -5.75
C VAL A 308 -1.52 -8.27 -6.85
N ALA A 309 -2.65 -7.72 -6.42
CA ALA A 309 -3.73 -7.37 -7.32
C ALA A 309 -3.51 -6.02 -7.99
N LEU A 310 -3.12 -5.02 -7.22
CA LEU A 310 -2.92 -3.66 -7.75
C LEU A 310 -1.81 -3.59 -8.77
N LYS A 311 -0.70 -4.32 -8.59
CA LYS A 311 0.42 -4.26 -9.56
C LYS A 311 0.06 -4.83 -10.95
N ALA A 312 -1.07 -5.56 -11.06
CA ALA A 312 -1.56 -6.03 -12.36
C ALA A 312 -2.35 -4.90 -13.10
N ALA A 313 -2.56 -3.74 -12.46
CA ALA A 313 -3.39 -2.69 -13.00
C ALA A 313 -2.81 -1.27 -12.80
N PHE A 314 -3.35 -0.29 -13.54
CA PHE A 314 -3.06 1.12 -13.36
C PHE A 314 -4.29 1.54 -12.49
N VAL A 315 -4.01 2.09 -11.30
CA VAL A 315 -5.08 2.40 -10.35
C VAL A 315 -5.22 3.89 -10.06
N VAL A 316 -6.43 4.41 -10.25
CA VAL A 316 -6.75 5.78 -9.93
C VAL A 316 -7.51 5.88 -8.61
N PHE A 317 -6.98 6.62 -7.67
CA PHE A 317 -7.64 6.93 -6.42
C PHE A 317 -8.17 8.34 -6.66
N ASN A 318 -9.45 8.42 -7.04
CA ASN A 318 -10.08 9.68 -7.37
C ASN A 318 -10.69 10.35 -6.14
N GLY A 319 -10.05 11.40 -5.66
CA GLY A 319 -10.54 12.18 -4.53
C GLY A 319 -11.50 13.30 -4.87
N ALA A 320 -12.31 13.14 -5.94
CA ALA A 320 -13.37 14.09 -6.28
C ALA A 320 -14.40 14.19 -5.10
N THR A 321 -15.40 15.11 -5.16
CA THR A 321 -16.44 15.32 -4.13
C THR A 321 -17.02 13.96 -3.67
N THR A 322 -17.40 13.09 -4.62
CA THR A 322 -17.75 11.73 -4.26
C THR A 322 -16.59 10.86 -4.76
N PRO A 323 -15.72 10.42 -3.83
CA PRO A 323 -14.55 9.63 -4.24
C PRO A 323 -14.89 8.29 -4.88
N THR A 324 -14.08 7.89 -5.87
CA THR A 324 -14.24 6.63 -6.62
C THR A 324 -12.84 6.00 -6.91
N LEU A 325 -12.81 4.76 -7.45
CA LEU A 325 -11.58 4.07 -7.82
C LEU A 325 -11.64 3.75 -9.30
N GLY A 326 -10.54 3.97 -10.00
CA GLY A 326 -10.41 3.63 -11.40
C GLY A 326 -9.41 2.50 -11.57
N PHE A 327 -9.71 1.55 -12.46
CA PHE A 327 -8.81 0.42 -12.71
C PHE A 327 -8.68 0.22 -14.19
N ALA A 328 -7.45 0.05 -14.67
CA ALA A 328 -7.21 -0.22 -16.08
C ALA A 328 -6.16 -1.32 -16.22
N SER A 329 -6.23 -2.10 -17.29
CA SER A 329 -5.17 -3.05 -17.61
C SER A 329 -3.96 -2.24 -18.14
N LYS A 330 -2.76 -2.77 -18.00
CA LYS A 330 -1.54 -2.10 -18.46
C LYS A 330 -0.56 -3.13 -19.04
S DMS B . -2.13 -8.02 7.51
O DMS B . -1.75 -6.75 6.91
C1 DMS B . -3.47 -8.68 6.46
C2 DMS B . -0.85 -9.25 7.07
S DMS C . -6.14 -3.54 6.28
O DMS C . -4.84 -4.11 6.68
C1 DMS C . -7.19 -3.63 7.75
C2 DMS C . -5.90 -1.74 6.33
C02 U1Q D . 0.12 -3.12 6.72
C03 U1Q D . 1.04 -3.59 7.63
C04 U1Q D . 2.05 -2.76 8.08
C05 U1Q D . 2.08 -1.47 7.60
C07 U1Q D . 1.13 -1.05 6.69
F06 U1Q D . 3.04 -0.61 8.04
N01 U1Q D . -0.93 -4.00 6.22
N08 U1Q D . 0.18 -1.88 6.29
S DMS E . -7.12 -23.61 -15.55
O DMS E . -6.55 -22.48 -16.29
C1 DMS E . -6.99 -23.20 -13.79
C2 DMS E . -8.94 -23.55 -15.74
S DMS F . -5.96 -29.62 -10.33
O DMS F . -7.10 -30.47 -10.01
C1 DMS F . -4.79 -29.82 -8.96
C2 DMS F . -4.99 -30.54 -11.56
S DMS G . -4.87 2.19 10.75
O DMS G . -5.86 2.21 9.66
C1 DMS G . -5.68 1.57 12.25
C2 DMS G . -3.88 0.70 10.46
S DMS H . -14.01 6.49 10.45
O DMS H . -13.48 6.01 9.18
C1 DMS H . -15.64 7.20 10.05
C2 DMS H . -14.56 5.04 11.38
S DMS I . -9.21 15.42 10.09
O DMS I . -7.94 14.93 9.54
C1 DMS I . -9.48 17.07 9.39
C2 DMS I . -10.53 14.50 9.25
S DMS J . 6.28 -7.15 14.78
O DMS J . 6.41 -5.73 14.43
C1 DMS J . 5.64 -7.26 16.48
C2 DMS J . 4.82 -7.74 13.88
S DMS K . 1.81 -6.48 4.53
O DMS K . 0.77 -7.28 3.91
C1 DMS K . 3.28 -7.54 4.62
C2 DMS K . 1.51 -6.61 6.30
S DMS L . -3.08 1.46 18.86
O DMS L . -2.25 2.56 19.34
C1 DMS L . -4.80 2.05 18.93
C2 DMS L . -3.19 0.26 20.22
S DMS M . 14.54 -5.48 3.58
O DMS M . 13.89 -4.18 3.76
C1 DMS M . 13.22 -6.72 3.68
C2 DMS M . 14.90 -5.65 1.80
S DMS N . -19.39 -0.69 -1.98
O DMS N . -19.09 0.39 -2.93
C1 DMS N . -17.95 -0.87 -0.88
C2 DMS N . -20.48 -0.03 -0.69
S DMS O . 5.37 11.40 -15.60
O DMS O . 4.27 10.49 -15.28
C1 DMS O . 6.92 10.50 -15.24
C2 DMS O . 5.49 11.44 -17.41
S DMS P . 10.34 3.53 -14.93
O DMS P . 10.31 4.98 -15.16
C1 DMS P . 8.66 3.04 -14.46
C2 DMS P . 10.41 2.74 -16.57
S DMS Q . -0.08 -7.96 -16.62
O DMS Q . 0.47 -6.67 -16.18
C1 DMS Q . -1.06 -7.66 -18.12
C2 DMS Q . 1.29 -8.80 -17.49
S DMS R . -19.11 5.51 -10.40
O DMS R . -17.83 5.19 -9.78
C1 DMS R . -18.76 6.46 -11.90
C2 DMS R . -19.70 3.97 -11.16
S DMS S . 1.25 16.89 -16.78
O DMS S . -0.02 16.15 -16.77
C1 DMS S . 0.98 18.39 -15.80
C2 DMS S . 2.36 16.05 -15.62
S DMS T . -5.29 -27.02 6.34
O DMS T . -6.72 -26.81 6.09
C1 DMS T . -4.98 -26.81 8.12
C2 DMS T . -4.98 -28.80 6.21
S DMS U . -1.85 22.51 5.35
O DMS U . -1.28 23.15 4.15
C1 DMS U . -0.74 21.30 5.76
C2 DMS U . -1.85 23.48 6.74
S DMS V . 12.36 21.67 15.30
O DMS V . 13.35 22.50 14.57
C1 DMS V . 13.23 20.84 16.66
C2 DMS V . 11.36 22.82 16.31
S DMS W . 17.11 8.22 20.67
O DMS W . 17.28 7.32 21.80
C1 DMS W . 16.79 9.88 21.36
C2 DMS W . 18.77 8.54 20.00
S DMS X . -16.23 -9.70 4.10
O DMS X . -16.14 -8.76 2.97
C1 DMS X . -14.57 -10.38 4.41
C2 DMS X . -16.41 -8.71 5.60
S DMS Y . -19.94 -8.21 -14.14
O DMS Y . -19.62 -8.48 -15.55
C1 DMS Y . -20.94 -6.69 -14.14
C2 DMS Y . -21.25 -9.37 -13.67
S DMS Z . 8.93 -23.31 -12.77
O DMS Z . 7.52 -23.29 -12.38
C1 DMS Z . 9.91 -23.59 -11.27
C2 DMS Z . 9.22 -24.90 -13.59
S DMS AA . 5.02 -0.77 -14.79
O DMS AA . 4.31 -0.23 -13.63
C1 DMS AA . 3.80 -1.52 -15.90
C2 DMS AA . 5.48 0.62 -15.85
S DMS BA . 4.48 22.03 -5.99
O DMS BA . 3.43 22.43 -5.05
C1 DMS BA . 4.10 22.79 -7.61
C2 DMS BA . 5.93 23.07 -5.65
S DMS CA . 14.21 -18.85 7.49
O DMS CA . 14.22 -18.44 6.09
C1 DMS CA . 15.55 -20.06 7.72
C2 DMS CA . 14.94 -17.50 8.46
S DMS DA . 11.72 -12.94 12.88
O DMS DA . 11.60 -14.22 12.19
C1 DMS DA . 13.22 -12.13 12.22
C2 DMS DA . 10.47 -11.91 12.04
S DMS EA . 14.01 -3.39 -9.10
O DMS EA . 12.90 -2.60 -9.64
C1 DMS EA . 13.90 -3.37 -7.29
C2 DMS EA . 13.54 -5.14 -9.28
S DMS FA . 19.02 12.59 5.09
O DMS FA . 17.90 12.25 5.98
C1 DMS FA . 19.80 14.04 5.84
C2 DMS FA . 20.36 11.42 5.41
S DMS GA . 13.79 22.53 0.88
O DMS GA . 12.49 22.86 1.40
C1 DMS GA . 13.72 22.70 -0.80
C2 DMS GA . 14.94 23.65 1.40
S DMS HA . 20.65 -1.30 16.07
O DMS HA . 20.88 -2.17 14.95
C1 DMS HA . 19.96 -2.16 17.36
C2 DMS HA . 22.14 -0.84 16.77
S DMS IA . 21.82 0.47 21.02
O DMS IA . 21.56 1.48 20.01
C1 DMS IA . 20.96 0.82 22.44
C2 DMS IA . 21.25 -1.07 20.62
S DMS JA . -11.07 -4.71 9.20
O DMS JA . -9.86 -3.91 9.14
C1 DMS JA . -11.54 -4.98 10.83
C2 DMS JA . -12.36 -3.73 8.70
S DMS KA . 2.70 5.47 23.45
O DMS KA . 1.50 5.11 22.74
C1 DMS KA . 2.45 5.53 25.14
C2 DMS KA . 3.76 4.14 23.46
#